data_7MZI
#
_entry.id   7MZI
#
_cell.length_a   106.562
_cell.length_b   71.896
_cell.length_c   113.688
_cell.angle_alpha   90.000
_cell.angle_beta   108.320
_cell.angle_gamma   90.000
#
_symmetry.space_group_name_H-M   'I 1 2 1'
#
loop_
_entity.id
_entity.type
_entity.pdbx_description
1 polymer 'WCSL 129 light chain'
2 polymer 'WCSL 129 heavy chain'
3 polymer 'Spike protein S1'
4 branched beta-D-mannopyranose-(1-4)-2-acetamido-2-deoxy-beta-D-glucopyranose-(1-4)-2-acetamido-2-deoxy-beta-D-glucopyranose
5 non-polymer GLYCEROL
6 non-polymer 'TETRAETHYLENE GLYCOL'
7 water water
#
loop_
_entity_poly.entity_id
_entity_poly.type
_entity_poly.pdbx_seq_one_letter_code
_entity_poly.pdbx_strand_id
1 'polypeptide(L)'
;QSVLTQPPSASGTPGQSVSISCSGTYSNIGSNPVNWYQQVPGTAPKLLIYANDQRPSGVPDRFSGSKSATSAFLAIGGLQ
SEDDADYYCSTWDDSLPGPLFGGGTKLTVLGQPKANPTVTLFPPSSEELQANKATLVCLISDFYPGAVTVAWKADGSPVK
AGVETTKPSKQSNNKYAASSYLSLTPEQWKSHRSYSCQVTHEGSTVEKTVAPTECS
;
L
2 'polypeptide(L)'
;EVQLLESGGGLVQPGGSLRLSCAASGFTFSRFAMTWVRQAPGKGLEWVSAISGSGGSTYYADSVKGRFTISRDNSKNTLY
LQMNSLRAEDTAVYYCAKVGWGAFDIWGQGTMVTVSSASTKGPSVFPLAPSSKSTSGGTAALGCLVKDYFPEPVTVSWNS
GALTSGVHTFPAVLQSSGLYSLSSVVTVPSSSLGTQTYICNVNHKPSNTKVDKKVEPKSCDKTH
;
H
3 'polypeptide(L)'
;NITNLCPFGEVFNATRFASVYAWNRKRISNCVADYSVLYNSASFSTFKCYGVSPTKLNDLCFTNVYADSFVIRGDEVRQI
APGQTGKIADYNYKLPDDFTGCVIAWNSNNLDSKVGGNYNYLYRLFRKSNLKPFERDISTEIYQAGSTPCNGVEGFNCYF
PLQSYGFQPTNGVGYQPYRVVVLSFELLHAPATVCGPGSHHHHHH
;
A
#
# COMPACT_ATOMS: atom_id res chain seq x y z
N SER A 2 -14.93 3.01 5.96
CA SER A 2 -14.83 1.61 6.38
C SER A 2 -13.59 0.86 5.80
N VAL A 3 -13.39 0.91 4.48
CA VAL A 3 -12.41 0.06 3.80
C VAL A 3 -11.68 0.84 2.71
N LEU A 4 -10.39 0.57 2.55
CA LEU A 4 -9.61 1.12 1.43
C LEU A 4 -9.41 -0.02 0.44
N THR A 5 -9.66 0.25 -0.83
CA THR A 5 -9.63 -0.77 -1.86
C THR A 5 -8.51 -0.45 -2.82
N GLN A 6 -7.65 -1.44 -3.07
CA GLN A 6 -6.58 -1.30 -4.08
C GLN A 6 -6.71 -2.43 -5.11
N PRO A 7 -6.33 -2.19 -6.36
CA PRO A 7 -6.23 -3.32 -7.31
C PRO A 7 -5.22 -4.33 -6.80
N PRO A 8 -5.48 -5.61 -6.98
CA PRO A 8 -4.58 -6.63 -6.41
C PRO A 8 -3.23 -6.67 -7.08
N SER A 9 -3.09 -6.19 -8.31
CA SER A 9 -1.77 -6.25 -8.94
C SER A 9 -1.55 -5.09 -9.90
N ALA A 10 -0.29 -4.91 -10.27
CA ALA A 10 0.10 -3.91 -11.24
C ALA A 10 1.37 -4.42 -11.92
N SER A 11 1.62 -3.90 -13.12
CA SER A 11 2.86 -4.30 -13.78
C SER A 11 3.29 -3.22 -14.76
N GLY A 12 4.56 -3.31 -15.16
CA GLY A 12 5.16 -2.50 -16.20
C GLY A 12 6.45 -3.15 -16.64
N THR A 13 7.07 -2.61 -17.68
CA THR A 13 8.35 -3.18 -18.06
C THR A 13 9.48 -2.30 -17.56
N PRO A 14 10.70 -2.78 -17.61
CA PRO A 14 11.83 -2.05 -17.02
C PRO A 14 11.95 -0.67 -17.62
N GLY A 15 12.06 0.33 -16.74
CA GLY A 15 12.28 1.72 -17.11
C GLY A 15 11.02 2.50 -17.38
N GLN A 16 9.87 1.85 -17.34
CA GLN A 16 8.60 2.50 -17.60
C GLN A 16 7.99 2.94 -16.25
N SER A 17 6.76 3.43 -16.30
CA SER A 17 6.04 3.97 -15.14
C SER A 17 4.82 3.13 -14.86
N VAL A 18 4.29 3.27 -13.65
CA VAL A 18 3.03 2.64 -13.28
C VAL A 18 2.38 3.54 -12.24
N SER A 19 1.07 3.37 -12.08
CA SER A 19 0.27 4.09 -11.08
C SER A 19 -0.58 3.07 -10.34
N ILE A 20 -0.55 3.14 -9.03
CA ILE A 20 -1.29 2.25 -8.16
C ILE A 20 -2.34 3.08 -7.44
N SER A 21 -3.59 2.63 -7.45
CA SER A 21 -4.67 3.44 -6.90
C SER A 21 -5.14 2.88 -5.56
N CYS A 22 -5.85 3.73 -4.83
CA CYS A 22 -6.39 3.41 -3.52
C CYS A 22 -7.71 4.14 -3.39
N SER A 23 -8.82 3.42 -3.23
CA SER A 23 -10.08 4.12 -3.24
C SER A 23 -10.77 3.98 -1.89
N GLY A 24 -11.32 5.09 -1.41
CA GLY A 24 -11.96 5.14 -0.10
C GLY A 24 -13.13 6.09 -0.15
N THR A 25 -13.33 6.85 0.91
CA THR A 25 -14.53 7.69 1.02
C THR A 25 -14.15 9.06 1.55
N TYR A 26 -15.14 9.96 1.62
CA TYR A 26 -14.80 11.29 2.10
C TYR A 26 -14.31 11.24 3.53
N SER A 27 -14.82 10.31 4.34
CA SER A 27 -14.46 10.29 5.76
C SER A 27 -13.08 9.70 6.03
N ASN A 28 -12.43 9.03 5.07
CA ASN A 28 -11.05 8.58 5.27
C ASN A 28 -10.19 9.35 4.28
N ILE A 29 -10.00 8.87 3.04
CA ILE A 29 -9.09 9.56 2.12
C ILE A 29 -9.44 11.04 1.94
N GLY A 30 -10.72 11.37 1.86
CA GLY A 30 -11.07 12.77 1.61
C GLY A 30 -10.79 13.71 2.77
N SER A 31 -10.61 13.18 3.98
CA SER A 31 -10.48 14.04 5.16
C SER A 31 -9.17 13.85 5.90
N ASN A 32 -8.25 13.00 5.39
CA ASN A 32 -7.14 12.58 6.23
C ASN A 32 -5.92 12.38 5.34
N PRO A 33 -4.73 12.52 5.90
CA PRO A 33 -3.51 12.40 5.08
C PRO A 33 -3.30 10.94 4.71
N VAL A 34 -2.78 10.71 3.51
CA VAL A 34 -2.58 9.35 2.98
C VAL A 34 -1.10 9.03 2.99
N ASN A 35 -0.78 7.77 3.32
CA ASN A 35 0.59 7.28 3.34
C ASN A 35 0.69 6.10 2.39
N TRP A 36 1.90 5.86 1.88
CA TRP A 36 2.14 4.67 1.07
C TRP A 36 3.34 3.93 1.58
N TYR A 37 3.31 2.60 1.54
CA TYR A 37 4.36 1.74 2.04
C TYR A 37 4.72 0.73 0.97
N GLN A 38 5.99 0.39 0.93
CA GLN A 38 6.50 -0.66 0.05
C GLN A 38 6.92 -1.84 0.91
N GLN A 39 6.50 -3.05 0.53
CA GLN A 39 6.96 -4.25 1.23
C GLN A 39 7.53 -5.25 0.24
N VAL A 40 8.85 -5.21 0.13
CA VAL A 40 9.59 -6.28 -0.59
C VAL A 40 9.42 -7.60 0.16
N PRO A 41 9.11 -8.71 -0.51
CA PRO A 41 8.83 -9.95 0.23
C PRO A 41 9.96 -10.26 1.19
N GLY A 42 9.61 -10.74 2.38
CA GLY A 42 10.61 -11.06 3.37
C GLY A 42 11.11 -9.91 4.22
N THR A 43 10.58 -8.71 4.03
CA THR A 43 11.04 -7.55 4.78
C THR A 43 9.84 -6.78 5.33
N ALA A 44 10.13 -5.87 6.25
CA ALA A 44 9.11 -5.02 6.81
C ALA A 44 8.69 -3.93 5.81
N PRO A 45 7.47 -3.42 5.96
CA PRO A 45 7.05 -2.26 5.17
C PRO A 45 8.01 -1.11 5.38
N LYS A 46 8.16 -0.32 4.32
CA LYS A 46 9.02 0.84 4.27
C LYS A 46 8.18 2.03 3.82
N LEU A 47 8.27 3.14 4.54
CA LEU A 47 7.50 4.33 4.16
C LEU A 47 8.07 4.99 2.89
N LEU A 48 7.21 5.17 1.89
CA LEU A 48 7.56 5.88 0.66
C LEU A 48 6.97 7.28 0.63
N ILE A 49 5.74 7.45 1.09
CA ILE A 49 4.99 8.70 0.93
C ILE A 49 4.22 8.93 2.21
N TYR A 50 4.29 10.15 2.75
CA TYR A 50 3.42 10.52 3.85
C TYR A 50 2.74 11.86 3.52
N ALA A 51 1.67 12.14 4.24
CA ALA A 51 0.93 13.39 4.07
C ALA A 51 0.60 13.62 2.60
N ASN A 52 0.07 12.56 1.96
CA ASN A 52 -0.41 12.53 0.59
C ASN A 52 0.71 12.49 -0.46
N ASP A 53 1.72 13.35 -0.34
CA ASP A 53 2.69 13.48 -1.42
C ASP A 53 4.09 13.86 -0.95
N GLN A 54 4.42 13.65 0.32
CA GLN A 54 5.74 13.96 0.85
C GLN A 54 6.60 12.70 0.91
N ARG A 55 7.88 12.83 0.58
CA ARG A 55 8.82 11.69 0.63
C ARG A 55 9.72 11.85 1.84
N PRO A 56 9.86 10.82 2.67
CA PRO A 56 10.91 10.85 3.69
C PRO A 56 12.29 10.85 3.05
N SER A 57 13.28 11.20 3.87
CA SER A 57 14.65 11.29 3.40
C SER A 57 15.07 9.94 2.84
N GLY A 58 15.70 9.96 1.67
CA GLY A 58 16.21 8.75 1.10
C GLY A 58 15.31 8.05 0.11
N VAL A 59 14.05 8.46 0.00
CA VAL A 59 13.15 7.94 -1.02
C VAL A 59 13.34 8.80 -2.27
N PRO A 60 13.68 8.23 -3.41
CA PRO A 60 13.97 9.04 -4.58
C PRO A 60 12.70 9.59 -5.22
N ASP A 61 12.89 10.64 -6.01
CA ASP A 61 11.75 11.42 -6.49
C ASP A 61 10.99 10.74 -7.61
N ARG A 62 11.41 9.55 -8.06
CA ARG A 62 10.56 8.79 -8.97
C ARG A 62 9.36 8.13 -8.27
N PHE A 63 9.28 8.16 -6.94
CA PHE A 63 8.05 7.81 -6.23
C PHE A 63 7.31 9.11 -5.93
N SER A 64 6.04 9.20 -6.31
CA SER A 64 5.27 10.39 -6.01
C SER A 64 3.81 10.03 -5.69
N GLY A 65 3.18 10.86 -4.86
CA GLY A 65 1.83 10.61 -4.40
C GLY A 65 0.89 11.72 -4.85
N SER A 66 -0.36 11.35 -5.10
CA SER A 66 -1.37 12.35 -5.42
C SER A 66 -2.70 11.88 -4.87
N LYS A 67 -3.69 12.77 -4.90
CA LYS A 67 -4.95 12.44 -4.26
C LYS A 67 -6.06 13.16 -5.02
N SER A 68 -7.16 12.45 -5.26
CA SER A 68 -8.41 13.04 -5.70
C SER A 68 -9.34 13.17 -4.51
N ALA A 69 -10.59 13.49 -4.78
CA ALA A 69 -11.59 13.58 -3.73
C ALA A 69 -11.54 12.39 -2.79
N THR A 70 -11.77 11.18 -3.33
CA THR A 70 -11.87 10.00 -2.47
C THR A 70 -10.90 8.92 -2.91
N SER A 71 -9.87 9.25 -3.69
CA SER A 71 -8.90 8.26 -4.11
C SER A 71 -7.50 8.83 -4.00
N ALA A 72 -6.54 7.92 -3.76
CA ALA A 72 -5.13 8.29 -3.68
C ALA A 72 -4.38 7.45 -4.71
N PHE A 73 -3.25 7.96 -5.16
CA PHE A 73 -2.48 7.31 -6.22
C PHE A 73 -0.99 7.39 -5.95
N LEU A 74 -0.32 6.27 -6.16
CA LEU A 74 1.12 6.21 -6.05
C LEU A 74 1.66 5.99 -7.45
N ALA A 75 2.53 6.87 -7.90
CA ALA A 75 3.17 6.75 -9.20
C ALA A 75 4.63 6.36 -9.01
N ILE A 76 5.10 5.44 -9.85
CA ILE A 76 6.48 4.96 -9.79
C ILE A 76 7.02 5.06 -11.20
N GLY A 77 7.99 5.95 -11.41
CA GLY A 77 8.66 6.06 -12.70
C GLY A 77 9.95 5.25 -12.68
N GLY A 78 10.51 5.06 -13.88
CA GLY A 78 11.75 4.32 -14.02
C GLY A 78 11.76 2.98 -13.32
N LEU A 79 10.75 2.16 -13.58
CA LEU A 79 10.63 0.88 -12.88
C LEU A 79 11.90 0.04 -12.98
N GLN A 80 12.30 -0.54 -11.85
CA GLN A 80 13.36 -1.55 -11.80
C GLN A 80 12.79 -2.83 -11.22
N SER A 81 13.48 -3.92 -11.52
CA SER A 81 13.11 -5.21 -10.91
C SER A 81 13.04 -5.12 -9.38
N GLU A 82 13.97 -4.38 -8.76
CA GLU A 82 13.99 -4.29 -7.30
C GLU A 82 12.80 -3.52 -6.76
N ASP A 83 11.96 -2.95 -7.62
CA ASP A 83 10.67 -2.39 -7.17
C ASP A 83 9.59 -3.46 -7.02
N ASP A 84 9.84 -4.71 -7.40
CA ASP A 84 8.87 -5.81 -7.15
C ASP A 84 8.55 -5.88 -5.65
N ALA A 85 7.28 -5.72 -5.31
CA ALA A 85 6.92 -5.59 -3.89
C ALA A 85 5.41 -5.51 -3.80
N ASP A 86 4.89 -5.60 -2.57
CA ASP A 86 3.49 -5.25 -2.33
C ASP A 86 3.46 -3.81 -1.86
N TYR A 87 2.58 -3.01 -2.45
CA TYR A 87 2.46 -1.61 -2.08
C TYR A 87 1.13 -1.42 -1.35
N TYR A 88 1.18 -0.73 -0.21
CA TYR A 88 -0.03 -0.54 0.61
C TYR A 88 -0.29 0.95 0.76
N CYS A 89 -1.52 1.37 0.51
CA CYS A 89 -1.94 2.69 0.97
C CYS A 89 -2.48 2.59 2.39
N SER A 90 -2.48 3.73 3.07
CA SER A 90 -3.00 3.81 4.44
C SER A 90 -3.52 5.22 4.68
N THR A 91 -4.57 5.31 5.49
CA THR A 91 -5.00 6.64 5.92
C THR A 91 -5.77 6.45 7.22
N TRP A 92 -6.40 7.51 7.68
CA TRP A 92 -7.17 7.49 8.90
C TRP A 92 -8.64 7.69 8.53
N ASP A 93 -9.54 7.32 9.45
CA ASP A 93 -10.97 7.51 9.22
C ASP A 93 -11.55 8.30 10.41
N ASP A 94 -12.44 9.24 10.12
CA ASP A 94 -12.94 10.11 11.17
C ASP A 94 -13.59 9.32 12.31
N SER A 95 -14.03 8.08 12.06
CA SER A 95 -14.71 7.24 13.04
C SER A 95 -13.80 6.27 13.79
N LEU A 96 -12.51 6.21 13.49
CA LEU A 96 -11.69 5.18 14.12
C LEU A 96 -10.49 5.82 14.78
N PRO A 97 -9.95 5.19 15.81
CA PRO A 97 -8.82 5.78 16.53
C PRO A 97 -7.49 5.57 15.83
N GLY A 98 -7.39 4.50 15.04
CA GLY A 98 -6.12 4.22 14.37
C GLY A 98 -6.30 3.99 12.89
N PRO A 99 -5.17 3.87 12.17
CA PRO A 99 -5.21 3.94 10.71
C PRO A 99 -5.69 2.64 10.07
N LEU A 100 -6.17 2.79 8.84
CA LEU A 100 -6.58 1.72 7.96
C LEU A 100 -5.48 1.44 6.97
N PHE A 101 -5.40 0.21 6.45
CA PHE A 101 -4.51 -0.09 5.32
C PHE A 101 -5.36 -0.67 4.20
N GLY A 102 -5.05 -0.29 2.97
CA GLY A 102 -5.64 -0.98 1.84
C GLY A 102 -5.15 -2.42 1.77
N GLY A 103 -5.75 -3.21 0.88
CA GLY A 103 -5.38 -4.63 0.84
C GLY A 103 -4.04 -4.92 0.19
N GLY A 104 -3.41 -3.93 -0.43
CA GLY A 104 -2.11 -4.12 -1.07
C GLY A 104 -2.22 -4.39 -2.57
N THR A 105 -1.22 -3.92 -3.33
CA THR A 105 -1.10 -4.17 -4.76
C THR A 105 0.26 -4.79 -5.00
N LYS A 106 0.26 -5.98 -5.59
CA LYS A 106 1.52 -6.62 -5.94
C LYS A 106 1.99 -6.10 -7.28
N LEU A 107 3.13 -5.45 -7.28
CA LEU A 107 3.73 -4.93 -8.49
C LEU A 107 4.77 -5.93 -9.00
N THR A 108 4.69 -6.25 -10.29
CA THR A 108 5.72 -7.05 -10.96
C THR A 108 6.26 -6.28 -12.16
N VAL A 109 7.56 -6.08 -12.20
CA VAL A 109 8.20 -5.53 -13.38
C VAL A 109 8.47 -6.69 -14.35
N LEU A 110 7.85 -6.64 -15.53
CA LEU A 110 7.71 -7.83 -16.37
C LEU A 110 9.03 -8.27 -17.00
N GLY A 111 9.37 -9.56 -16.85
CA GLY A 111 10.62 -10.08 -17.40
C GLY A 111 10.41 -11.12 -18.48
N GLN A 112 9.16 -11.51 -18.67
CA GLN A 112 8.78 -12.47 -19.70
C GLN A 112 7.34 -12.16 -20.08
N PRO A 113 6.83 -12.79 -21.13
CA PRO A 113 5.47 -12.46 -21.58
C PRO A 113 4.42 -12.93 -20.57
N LYS A 114 3.33 -12.18 -20.50
CA LYS A 114 2.24 -12.57 -19.62
C LYS A 114 1.77 -13.96 -20.02
N ALA A 115 1.38 -14.76 -19.01
CA ALA A 115 0.97 -16.14 -19.24
C ALA A 115 -0.25 -16.40 -18.37
N ASN A 116 -1.32 -16.86 -19.02
CA ASN A 116 -2.59 -17.15 -18.36
C ASN A 116 -2.46 -18.41 -17.51
N PRO A 117 -3.21 -18.51 -16.41
CA PRO A 117 -3.13 -19.72 -15.57
C PRO A 117 -3.82 -20.91 -16.22
N THR A 118 -3.24 -22.09 -16.04
CA THR A 118 -3.95 -23.35 -16.23
C THR A 118 -4.64 -23.69 -14.93
N VAL A 119 -5.94 -23.96 -14.99
CA VAL A 119 -6.75 -24.22 -13.78
C VAL A 119 -7.35 -25.62 -13.88
N THR A 120 -7.19 -26.42 -12.83
CA THR A 120 -7.89 -27.70 -12.74
C THR A 120 -8.62 -27.79 -11.41
N LEU A 121 -9.89 -28.14 -11.46
CA LEU A 121 -10.74 -28.16 -10.26
C LEU A 121 -11.21 -29.58 -10.02
N PHE A 122 -10.88 -30.12 -8.84
CA PHE A 122 -11.37 -31.47 -8.51
C PHE A 122 -12.51 -31.41 -7.50
N PRO A 123 -13.51 -32.27 -7.65
CA PRO A 123 -14.57 -32.37 -6.65
C PRO A 123 -14.12 -33.21 -5.47
N PRO A 124 -14.89 -33.23 -4.38
CA PRO A 124 -14.61 -34.18 -3.30
C PRO A 124 -14.58 -35.61 -3.81
N SER A 125 -13.67 -36.41 -3.25
CA SER A 125 -13.57 -37.81 -3.60
C SER A 125 -14.64 -38.60 -2.87
N SER A 126 -15.03 -39.74 -3.46
CA SER A 126 -15.94 -40.64 -2.76
C SER A 126 -15.40 -41.00 -1.39
N GLU A 127 -14.11 -41.30 -1.32
CA GLU A 127 -13.52 -41.70 -0.04
C GLU A 127 -13.63 -40.60 0.99
N GLU A 128 -13.39 -39.35 0.60
CA GLU A 128 -13.55 -38.27 1.57
C GLU A 128 -15.01 -38.11 1.97
N LEU A 129 -15.92 -38.20 0.99
CA LEU A 129 -17.33 -38.06 1.33
C LEU A 129 -17.76 -39.15 2.30
N GLN A 130 -17.17 -40.35 2.17
CA GLN A 130 -17.48 -41.46 3.06
C GLN A 130 -16.91 -41.23 4.45
N ALA A 131 -15.84 -40.44 4.57
CA ALA A 131 -15.36 -39.99 5.86
C ALA A 131 -16.15 -38.79 6.36
N ASN A 132 -17.27 -38.47 5.72
CA ASN A 132 -18.09 -37.36 6.18
C ASN A 132 -17.39 -36.00 6.06
N LYS A 133 -16.52 -35.84 5.07
CA LYS A 133 -15.88 -34.55 4.83
C LYS A 133 -15.96 -34.26 3.33
N ALA A 134 -15.60 -33.03 2.94
CA ALA A 134 -15.75 -32.66 1.54
C ALA A 134 -14.82 -31.50 1.22
N THR A 135 -13.91 -31.68 0.27
CA THR A 135 -12.99 -30.60 -0.11
C THR A 135 -12.98 -30.46 -1.62
N LEU A 136 -13.15 -29.24 -2.11
CA LEU A 136 -12.90 -28.92 -3.50
C LEU A 136 -11.48 -28.38 -3.64
N VAL A 137 -10.79 -28.83 -4.69
CA VAL A 137 -9.38 -28.53 -4.87
C VAL A 137 -9.21 -27.80 -6.20
N CYS A 138 -8.78 -26.53 -6.12
CA CYS A 138 -8.57 -25.75 -7.32
C CYS A 138 -7.07 -25.52 -7.46
N LEU A 139 -6.47 -26.11 -8.49
CA LEU A 139 -5.03 -26.05 -8.73
C LEU A 139 -4.75 -25.12 -9.90
N ILE A 140 -3.82 -24.20 -9.69
CA ILE A 140 -3.60 -23.06 -10.59
C ILE A 140 -2.12 -23.02 -10.94
N SER A 141 -1.78 -23.08 -12.24
CA SER A 141 -0.37 -23.19 -12.54
C SER A 141 0.01 -22.43 -13.81
N ASP A 142 1.32 -22.30 -13.99
CA ASP A 142 1.92 -21.73 -15.21
C ASP A 142 1.48 -20.30 -15.48
N PHE A 143 1.26 -19.47 -14.47
CA PHE A 143 0.82 -18.10 -14.75
C PHE A 143 1.95 -17.11 -14.50
N TYR A 144 1.91 -15.99 -15.23
CA TYR A 144 2.95 -14.94 -15.04
C TYR A 144 2.32 -13.60 -15.45
N PRO A 145 2.42 -12.54 -14.64
CA PRO A 145 3.11 -12.44 -13.34
C PRO A 145 2.47 -13.28 -12.25
N GLY A 146 3.17 -13.47 -11.12
CA GLY A 146 2.69 -14.30 -10.04
C GLY A 146 1.68 -13.63 -9.14
N ALA A 147 0.49 -13.30 -9.65
CA ALA A 147 -0.54 -12.68 -8.84
C ALA A 147 -1.89 -13.14 -9.37
N VAL A 148 -2.71 -13.78 -8.52
CA VAL A 148 -4.06 -14.18 -8.91
C VAL A 148 -4.98 -13.80 -7.77
N THR A 149 -6.24 -13.61 -8.09
CA THR A 149 -7.27 -13.68 -7.06
C THR A 149 -8.26 -14.77 -7.41
N VAL A 150 -8.71 -15.46 -6.38
CA VAL A 150 -9.52 -16.65 -6.51
C VAL A 150 -10.86 -16.38 -5.85
N ALA A 151 -11.94 -16.59 -6.61
CA ALA A 151 -13.29 -16.48 -6.10
C ALA A 151 -13.99 -17.81 -6.26
N TRP A 152 -14.70 -18.25 -5.23
CA TRP A 152 -15.54 -19.44 -5.30
C TRP A 152 -17.02 -19.04 -5.40
N LYS A 153 -17.77 -19.79 -6.21
CA LYS A 153 -19.21 -19.61 -6.35
C LYS A 153 -19.90 -20.93 -6.06
N ALA A 154 -21.10 -20.83 -5.49
CA ALA A 154 -22.01 -21.97 -5.37
C ALA A 154 -23.34 -21.53 -5.96
N ASP A 155 -23.69 -22.10 -7.12
CA ASP A 155 -24.87 -21.68 -7.86
C ASP A 155 -24.88 -20.17 -8.07
N GLY A 156 -23.79 -19.68 -8.66
CA GLY A 156 -23.63 -18.27 -8.96
C GLY A 156 -23.43 -17.37 -7.77
N SER A 157 -23.67 -17.85 -6.55
CA SER A 157 -23.54 -17.00 -5.36
C SER A 157 -22.12 -17.09 -4.79
N PRO A 158 -21.56 -15.97 -4.38
CA PRO A 158 -20.23 -16.01 -3.75
C PRO A 158 -20.22 -16.91 -2.52
N VAL A 159 -19.13 -17.67 -2.37
CA VAL A 159 -18.89 -18.52 -1.21
C VAL A 159 -17.77 -17.88 -0.40
N LYS A 160 -18.06 -17.52 0.85
CA LYS A 160 -17.07 -16.87 1.71
C LYS A 160 -16.31 -17.87 2.58
N ALA A 161 -17.05 -18.64 3.38
CA ALA A 161 -16.44 -19.42 4.44
C ALA A 161 -15.82 -20.70 3.90
N GLY A 162 -14.80 -21.17 4.61
CA GLY A 162 -14.19 -22.44 4.28
C GLY A 162 -13.17 -22.37 3.16
N VAL A 163 -12.79 -21.17 2.71
CA VAL A 163 -11.83 -21.01 1.62
C VAL A 163 -10.44 -20.80 2.20
N GLU A 164 -9.46 -21.56 1.70
CA GLU A 164 -8.05 -21.37 2.03
C GLU A 164 -7.26 -21.34 0.73
N THR A 165 -6.51 -20.27 0.47
CA THR A 165 -5.74 -20.08 -0.76
C THR A 165 -4.28 -19.78 -0.40
N THR A 166 -3.36 -20.42 -1.10
CA THR A 166 -1.95 -20.18 -0.86
C THR A 166 -1.52 -18.90 -1.57
N LYS A 167 -0.37 -18.37 -1.15
CA LYS A 167 0.33 -17.39 -1.97
C LYS A 167 0.88 -18.05 -3.23
N PRO A 168 1.07 -17.30 -4.30
CA PRO A 168 1.74 -17.86 -5.48
C PRO A 168 3.17 -18.20 -5.15
N SER A 169 3.69 -19.24 -5.80
CA SER A 169 5.06 -19.63 -5.59
C SER A 169 5.64 -19.96 -6.94
N LYS A 170 6.93 -19.67 -7.09
CA LYS A 170 7.58 -19.78 -8.38
C LYS A 170 7.86 -21.23 -8.71
N GLN A 171 7.47 -21.64 -9.91
CA GLN A 171 7.71 -22.97 -10.44
C GLN A 171 9.13 -23.06 -11.00
N SER A 172 9.54 -24.30 -11.29
CA SER A 172 10.86 -24.52 -11.86
C SER A 172 11.02 -23.77 -13.17
N ASN A 173 9.94 -23.58 -13.94
CA ASN A 173 10.01 -22.88 -15.20
C ASN A 173 9.79 -21.37 -15.08
N ASN A 174 9.90 -20.82 -13.87
CA ASN A 174 9.83 -19.39 -13.60
C ASN A 174 8.44 -18.79 -13.75
N LYS A 175 7.43 -19.57 -14.14
CA LYS A 175 6.05 -19.14 -13.93
C LYS A 175 5.64 -19.51 -12.51
N TYR A 176 4.37 -19.23 -12.17
CA TYR A 176 3.88 -19.37 -10.80
C TYR A 176 2.74 -20.37 -10.67
N ALA A 177 2.59 -20.86 -9.44
CA ALA A 177 1.52 -21.80 -9.10
C ALA A 177 0.87 -21.33 -7.81
N ALA A 178 -0.40 -21.68 -7.64
CA ALA A 178 -1.11 -21.48 -6.38
C ALA A 178 -2.22 -22.52 -6.30
N SER A 179 -2.80 -22.66 -5.13
CA SER A 179 -3.92 -23.57 -5.02
C SER A 179 -4.89 -23.03 -3.99
N SER A 180 -6.15 -23.41 -4.14
CA SER A 180 -7.21 -22.94 -3.25
C SER A 180 -8.08 -24.12 -2.90
N TYR A 181 -8.53 -24.17 -1.65
CA TYR A 181 -9.32 -25.28 -1.17
C TYR A 181 -10.61 -24.75 -0.57
N LEU A 182 -11.74 -25.36 -0.92
CA LEU A 182 -13.04 -24.99 -0.38
C LEU A 182 -13.55 -26.16 0.45
N SER A 183 -13.65 -25.97 1.75
CA SER A 183 -14.14 -27.02 2.64
C SER A 183 -15.66 -26.92 2.77
N LEU A 184 -16.34 -28.05 2.61
CA LEU A 184 -17.78 -28.10 2.76
C LEU A 184 -18.16 -29.33 3.57
N THR A 185 -19.38 -29.31 4.11
CA THR A 185 -20.01 -30.56 4.56
C THR A 185 -20.46 -31.34 3.34
N PRO A 186 -20.59 -32.67 3.46
CA PRO A 186 -21.20 -33.43 2.36
C PRO A 186 -22.56 -32.87 1.95
N GLU A 187 -23.34 -32.41 2.94
CA GLU A 187 -24.68 -31.90 2.68
C GLU A 187 -24.63 -30.63 1.85
N GLN A 188 -23.78 -29.68 2.25
CA GLN A 188 -23.55 -28.51 1.39
C GLN A 188 -23.15 -28.95 -0.02
N TRP A 189 -22.26 -29.94 -0.12
CA TRP A 189 -21.82 -30.37 -1.45
C TRP A 189 -22.99 -30.85 -2.30
N LYS A 190 -23.85 -31.71 -1.73
CA LYS A 190 -24.98 -32.23 -2.51
C LYS A 190 -26.15 -31.24 -2.62
N SER A 191 -26.25 -30.29 -1.70
CA SER A 191 -27.34 -29.31 -1.69
C SER A 191 -27.14 -28.16 -2.68
N HIS A 192 -26.23 -28.31 -3.65
CA HIS A 192 -26.05 -27.30 -4.69
C HIS A 192 -25.89 -27.98 -6.03
N ARG A 193 -26.20 -27.22 -7.08
CA ARG A 193 -26.16 -27.77 -8.42
C ARG A 193 -24.75 -27.71 -9.02
N SER A 194 -23.92 -26.78 -8.57
CA SER A 194 -22.53 -26.71 -9.04
C SER A 194 -21.74 -25.74 -8.17
N TYR A 195 -20.42 -25.92 -8.20
CA TYR A 195 -19.48 -25.02 -7.55
C TYR A 195 -18.47 -24.58 -8.57
N SER A 196 -18.02 -23.33 -8.46
CA SER A 196 -17.08 -22.80 -9.42
C SER A 196 -15.87 -22.23 -8.71
N CYS A 197 -14.71 -22.47 -9.29
CA CYS A 197 -13.48 -21.78 -8.91
C CYS A 197 -13.12 -20.79 -10.02
N GLN A 198 -13.15 -19.48 -9.70
CA GLN A 198 -12.83 -18.43 -10.66
C GLN A 198 -11.49 -17.80 -10.31
N VAL A 199 -10.57 -17.85 -11.24
CA VAL A 199 -9.22 -17.38 -11.04
C VAL A 199 -9.08 -16.16 -11.94
N THR A 200 -8.85 -15.00 -11.35
CA THR A 200 -8.66 -13.81 -12.15
C THR A 200 -7.17 -13.46 -12.19
N HIS A 201 -6.65 -13.28 -13.39
CA HIS A 201 -5.24 -12.98 -13.58
C HIS A 201 -5.09 -11.85 -14.59
N GLU A 202 -4.46 -10.75 -14.18
CA GLU A 202 -4.25 -9.65 -15.13
C GLU A 202 -5.57 -9.26 -15.79
N GLY A 203 -6.64 -9.27 -15.00
CA GLY A 203 -7.94 -8.82 -15.47
C GLY A 203 -8.73 -9.78 -16.32
N SER A 204 -8.25 -10.99 -16.59
CA SER A 204 -9.05 -12.02 -17.27
C SER A 204 -9.31 -13.16 -16.32
N THR A 205 -10.53 -13.72 -16.40
CA THR A 205 -10.97 -14.77 -15.49
C THR A 205 -11.02 -16.12 -16.21
N VAL A 206 -10.43 -17.13 -15.58
CA VAL A 206 -10.54 -18.51 -16.01
C VAL A 206 -11.44 -19.22 -15.00
N GLU A 207 -12.50 -19.86 -15.48
CA GLU A 207 -13.46 -20.48 -14.57
C GLU A 207 -13.57 -21.98 -14.82
N LYS A 208 -13.55 -22.76 -13.74
CA LYS A 208 -13.79 -24.19 -13.82
C LYS A 208 -14.92 -24.51 -12.86
N THR A 209 -15.69 -25.57 -13.19
CA THR A 209 -16.88 -25.91 -12.40
C THR A 209 -16.97 -27.41 -12.22
N VAL A 210 -17.46 -27.82 -11.04
CA VAL A 210 -17.74 -29.21 -10.74
C VAL A 210 -19.14 -29.28 -10.11
N ALA A 211 -19.75 -30.45 -10.24
CA ALA A 211 -21.12 -30.70 -9.78
C ALA A 211 -21.20 -32.08 -9.15
N PRO A 212 -22.04 -32.25 -8.12
CA PRO A 212 -22.24 -33.59 -7.53
C PRO A 212 -22.74 -34.59 -8.56
N THR A 213 -22.45 -35.86 -8.33
CA THR A 213 -22.75 -36.85 -9.35
C THR A 213 -23.27 -38.16 -8.76
N GLU B 1 20.93 4.01 11.09
CA GLU B 1 21.29 4.26 12.49
C GLU B 1 20.11 4.09 13.45
N VAL B 2 18.88 4.38 12.98
CA VAL B 2 17.71 3.95 13.75
C VAL B 2 17.61 2.43 13.69
N GLN B 3 17.38 1.81 14.85
CA GLN B 3 17.13 0.38 14.90
C GLN B 3 15.94 0.11 15.79
N LEU B 4 15.11 -0.87 15.41
CA LEU B 4 14.00 -1.30 16.22
C LEU B 4 14.09 -2.82 16.22
N LEU B 5 14.47 -3.41 17.34
CA LEU B 5 14.84 -4.82 17.38
C LEU B 5 13.78 -5.54 18.20
N GLU B 6 13.02 -6.39 17.56
CA GLU B 6 11.90 -7.04 18.23
C GLU B 6 12.26 -8.42 18.73
N SER B 7 11.56 -8.85 19.77
CA SER B 7 11.74 -10.22 20.24
C SER B 7 10.48 -10.64 20.95
N GLY B 8 10.43 -11.90 21.37
CA GLY B 8 9.33 -12.37 22.21
C GLY B 8 8.28 -13.17 21.48
N GLY B 9 8.31 -13.17 20.15
CA GLY B 9 7.38 -13.99 19.41
C GLY B 9 7.66 -15.47 19.65
N GLY B 10 6.77 -16.30 19.15
CA GLY B 10 6.95 -17.74 19.27
C GLY B 10 5.59 -18.42 19.17
N LEU B 11 5.57 -19.68 19.59
CA LEU B 11 4.41 -20.55 19.46
C LEU B 11 3.70 -20.64 20.80
N VAL B 12 2.38 -20.41 20.81
CA VAL B 12 1.57 -20.57 22.01
C VAL B 12 0.25 -21.22 21.65
N GLN B 13 -0.39 -21.84 22.67
CA GLN B 13 -1.68 -22.40 22.34
C GLN B 13 -2.79 -21.39 22.56
N PRO B 14 -3.94 -21.62 21.95
CA PRO B 14 -5.08 -20.71 22.16
C PRO B 14 -5.33 -20.56 23.65
N GLY B 15 -5.70 -19.34 24.06
CA GLY B 15 -5.81 -18.97 25.45
C GLY B 15 -4.50 -18.62 26.13
N GLY B 16 -3.36 -18.84 25.48
CA GLY B 16 -2.06 -18.57 26.07
C GLY B 16 -1.71 -17.08 26.01
N SER B 17 -0.50 -16.75 26.49
CA SER B 17 -0.04 -15.37 26.62
C SER B 17 1.37 -15.27 26.08
N LEU B 18 1.73 -14.07 25.61
CA LEU B 18 3.06 -13.78 25.10
C LEU B 18 3.35 -12.31 25.40
N ARG B 19 4.60 -11.98 25.58
CA ARG B 19 4.98 -10.57 25.69
C ARG B 19 6.04 -10.28 24.65
N LEU B 20 5.71 -9.38 23.73
CA LEU B 20 6.67 -8.90 22.75
C LEU B 20 7.43 -7.69 23.27
N SER B 21 8.65 -7.54 22.79
CA SER B 21 9.51 -6.41 23.10
C SER B 21 10.06 -5.79 21.83
N CYS B 22 10.24 -4.48 21.87
CA CYS B 22 10.90 -3.81 20.77
C CYS B 22 11.93 -2.84 21.36
N ALA B 23 13.22 -3.07 21.06
CA ALA B 23 14.30 -2.23 21.61
C ALA B 23 14.72 -1.20 20.57
N ALA B 24 14.61 0.07 20.93
CA ALA B 24 14.83 1.16 19.99
C ALA B 24 16.17 1.84 20.24
N SER B 25 16.85 2.23 19.16
CA SER B 25 18.05 3.02 19.33
C SER B 25 18.18 3.98 18.15
N GLY B 26 18.97 5.04 18.35
CA GLY B 26 19.33 5.90 17.22
C GLY B 26 18.40 7.07 17.01
N PHE B 27 17.40 7.25 17.88
CA PHE B 27 16.54 8.42 17.84
C PHE B 27 16.06 8.69 19.26
N THR B 28 15.40 9.84 19.44
CA THR B 28 14.96 10.23 20.79
C THR B 28 13.62 9.58 21.09
N PHE B 29 13.73 8.34 21.56
CA PHE B 29 12.60 7.44 21.75
C PHE B 29 11.43 8.12 22.45
N SER B 30 11.69 8.78 23.57
CA SER B 30 10.59 9.28 24.41
C SER B 30 9.83 10.42 23.75
N ARG B 31 10.32 10.96 22.65
CA ARG B 31 9.63 12.04 21.98
C ARG B 31 8.57 11.56 21.02
N PHE B 32 8.52 10.26 20.72
CA PHE B 32 7.68 9.75 19.65
C PHE B 32 6.68 8.74 20.15
N ALA B 33 5.46 8.87 19.64
CA ALA B 33 4.53 7.75 19.80
C ALA B 33 5.12 6.53 19.09
N MET B 34 4.70 5.35 19.54
CA MET B 34 5.20 4.08 19.02
C MET B 34 3.99 3.19 18.77
N THR B 35 4.12 2.24 17.83
CA THR B 35 2.93 1.47 17.48
C THR B 35 3.30 0.03 17.19
N TRP B 36 2.32 -0.87 17.28
CA TRP B 36 2.41 -2.24 16.80
C TRP B 36 1.45 -2.43 15.64
N VAL B 37 1.92 -3.12 14.60
CA VAL B 37 1.15 -3.45 13.40
C VAL B 37 1.42 -4.91 13.11
N ARG B 38 0.39 -5.68 12.73
CA ARG B 38 0.62 -7.10 12.50
C ARG B 38 0.22 -7.49 11.08
N GLN B 39 0.72 -8.63 10.64
CA GLN B 39 0.45 -9.11 9.29
C GLN B 39 0.33 -10.63 9.35
N ALA B 40 -0.88 -11.13 9.15
CA ALA B 40 -1.09 -12.55 9.07
C ALA B 40 -0.42 -13.10 7.80
N PRO B 41 0.05 -14.35 7.83
CA PRO B 41 0.77 -14.88 6.67
C PRO B 41 -0.06 -14.75 5.41
N GLY B 42 0.55 -14.16 4.37
CA GLY B 42 -0.14 -13.96 3.11
C GLY B 42 -1.20 -12.89 3.10
N LYS B 43 -1.35 -12.09 4.16
CA LYS B 43 -2.42 -11.10 4.23
C LYS B 43 -1.84 -9.70 4.30
N GLY B 44 -2.72 -8.73 4.55
CA GLY B 44 -2.36 -7.34 4.60
C GLY B 44 -1.92 -6.92 5.99
N LEU B 45 -1.86 -5.61 6.18
CA LEU B 45 -1.39 -5.01 7.42
C LEU B 45 -2.59 -4.58 8.26
N GLU B 46 -2.48 -4.75 9.57
CA GLU B 46 -3.54 -4.40 10.51
C GLU B 46 -2.92 -3.64 11.67
N TRP B 47 -3.28 -2.36 11.84
CA TRP B 47 -2.85 -1.62 13.03
C TRP B 47 -3.42 -2.30 14.28
N VAL B 48 -2.58 -2.42 15.32
CA VAL B 48 -2.92 -3.15 16.54
C VAL B 48 -3.11 -2.20 17.71
N SER B 49 -2.13 -1.34 17.97
CA SER B 49 -2.05 -0.58 19.21
C SER B 49 -0.98 0.49 19.09
N ALA B 50 -1.17 1.60 19.81
CA ALA B 50 -0.16 2.64 19.86
C ALA B 50 -0.12 3.26 21.25
N ILE B 51 0.96 4.02 21.50
CA ILE B 51 1.21 4.62 22.80
C ILE B 51 1.96 5.94 22.61
N SER B 52 1.60 6.93 23.42
CA SER B 52 2.24 8.23 23.36
C SER B 52 3.69 8.17 23.84
N GLY B 53 4.43 9.24 23.57
CA GLY B 53 5.84 9.24 23.93
C GLY B 53 6.06 8.99 25.41
N SER B 54 5.21 9.58 26.26
CA SER B 54 5.34 9.42 27.70
C SER B 54 4.82 8.09 28.18
N GLY B 55 3.94 7.46 27.42
CA GLY B 55 3.27 6.26 27.89
C GLY B 55 1.94 6.56 28.54
N GLY B 56 1.58 7.84 28.73
CA GLY B 56 0.35 8.16 29.41
C GLY B 56 -0.92 8.06 28.58
N SER B 57 -0.83 7.81 27.28
CA SER B 57 -2.03 7.59 26.46
C SER B 57 -1.80 6.36 25.62
N THR B 58 -2.81 5.49 25.53
CA THR B 58 -2.73 4.28 24.74
C THR B 58 -3.95 4.14 23.85
N TYR B 59 -3.81 3.38 22.76
CA TYR B 59 -4.82 3.28 21.73
C TYR B 59 -4.86 1.84 21.23
N TYR B 60 -6.05 1.33 20.92
CA TYR B 60 -6.19 -0.08 20.56
C TYR B 60 -7.17 -0.29 19.41
N ALA B 61 -6.87 -1.24 18.53
CA ALA B 61 -7.87 -1.68 17.57
C ALA B 61 -8.94 -2.47 18.31
N ASP B 62 -10.18 -2.40 17.80
CA ASP B 62 -11.26 -3.19 18.37
C ASP B 62 -10.92 -4.68 18.44
N SER B 63 -10.12 -5.18 17.47
CA SER B 63 -9.85 -6.61 17.39
C SER B 63 -9.06 -7.12 18.58
N VAL B 64 -8.40 -6.25 19.35
CA VAL B 64 -7.52 -6.68 20.42
C VAL B 64 -7.88 -6.07 21.77
N LYS B 65 -8.89 -5.19 21.80
CA LYS B 65 -9.30 -4.50 23.03
C LYS B 65 -9.62 -5.48 24.15
N GLY B 66 -9.11 -5.19 25.34
CA GLY B 66 -9.36 -6.06 26.48
C GLY B 66 -8.47 -7.28 26.56
N ARG B 67 -7.61 -7.50 25.57
CA ARG B 67 -6.75 -8.67 25.56
C ARG B 67 -5.28 -8.31 25.48
N PHE B 68 -4.95 -7.24 24.78
CA PHE B 68 -3.57 -6.83 24.60
C PHE B 68 -3.33 -5.55 25.39
N THR B 69 -2.12 -5.39 25.92
CA THR B 69 -1.78 -4.14 26.60
C THR B 69 -0.45 -3.63 26.06
N ILE B 70 -0.43 -2.39 25.58
CA ILE B 70 0.79 -1.76 25.13
C ILE B 70 1.39 -0.99 26.31
N SER B 71 2.71 -0.98 26.41
CA SER B 71 3.41 -0.18 27.41
C SER B 71 4.82 0.14 26.89
N ARG B 72 5.52 1.02 27.60
CA ARG B 72 6.89 1.33 27.21
C ARG B 72 7.68 1.69 28.45
N ASP B 73 8.98 1.45 28.38
CA ASP B 73 9.92 1.81 29.45
C ASP B 73 10.94 2.78 28.87
N ASN B 74 10.69 4.08 29.03
CA ASN B 74 11.60 5.07 28.47
C ASN B 74 12.98 5.07 29.12
N SER B 75 13.15 4.44 30.27
CA SER B 75 14.51 4.37 30.79
C SER B 75 15.35 3.35 30.02
N LYS B 76 14.70 2.47 29.24
CA LYS B 76 15.36 1.37 28.53
C LYS B 76 15.13 1.40 27.02
N ASN B 77 14.46 2.43 26.51
CA ASN B 77 14.03 2.51 25.11
C ASN B 77 13.39 1.21 24.63
N THR B 78 12.45 0.70 25.43
CA THR B 78 11.80 -0.56 25.11
C THR B 78 10.28 -0.37 25.05
N LEU B 79 9.69 -0.86 23.98
CA LEU B 79 8.25 -0.88 23.79
C LEU B 79 7.78 -2.31 23.99
N TYR B 80 6.63 -2.50 24.65
CA TYR B 80 6.11 -3.84 24.94
C TYR B 80 4.70 -4.02 24.39
N LEU B 81 4.35 -5.28 24.11
CA LEU B 81 2.98 -5.68 23.84
C LEU B 81 2.70 -6.94 24.63
N GLN B 82 1.86 -6.82 25.68
CA GLN B 82 1.40 -7.96 26.44
C GLN B 82 0.16 -8.50 25.74
N MET B 83 0.21 -9.80 25.36
CA MET B 83 -0.84 -10.45 24.58
C MET B 83 -1.41 -11.59 25.41
N ASN B 84 -2.63 -11.41 25.95
CA ASN B 84 -3.36 -12.45 26.67
C ASN B 84 -4.52 -12.97 25.84
N SER B 85 -5.09 -14.13 26.25
CA SER B 85 -6.28 -14.70 25.62
C SER B 85 -6.09 -14.83 24.10
N LEU B 86 -4.93 -15.35 23.73
CA LEU B 86 -4.56 -15.42 22.33
C LEU B 86 -5.48 -16.35 21.58
N ARG B 87 -5.77 -16.01 20.33
CA ARG B 87 -6.64 -16.79 19.46
C ARG B 87 -5.91 -17.12 18.16
N ALA B 88 -6.33 -18.22 17.50
CA ALA B 88 -5.72 -18.60 16.23
C ALA B 88 -5.58 -17.41 15.29
N GLU B 89 -6.57 -16.55 15.27
CA GLU B 89 -6.55 -15.46 14.32
C GLU B 89 -5.61 -14.33 14.73
N ASP B 90 -4.95 -14.42 15.89
CA ASP B 90 -3.88 -13.49 16.20
C ASP B 90 -2.54 -13.91 15.60
N THR B 91 -2.47 -15.11 15.00
CA THR B 91 -1.26 -15.58 14.34
C THR B 91 -0.82 -14.56 13.30
N ALA B 92 0.41 -14.07 13.40
CA ALA B 92 0.90 -13.00 12.49
C ALA B 92 2.35 -12.69 12.80
N VAL B 93 2.98 -11.95 11.87
CA VAL B 93 4.21 -11.23 12.19
C VAL B 93 3.81 -9.92 12.84
N TYR B 94 4.41 -9.63 13.99
CA TYR B 94 4.15 -8.37 14.68
C TYR B 94 5.32 -7.42 14.46
N TYR B 95 5.01 -6.25 13.92
CA TYR B 95 6.00 -5.18 13.72
C TYR B 95 5.83 -4.08 14.76
N CYS B 96 6.94 -3.58 15.28
CA CYS B 96 6.90 -2.29 15.97
C CYS B 96 7.32 -1.20 14.99
N ALA B 97 6.76 -0.02 15.20
CA ALA B 97 7.15 1.10 14.33
C ALA B 97 7.10 2.40 15.11
N LYS B 98 7.99 3.31 14.72
CA LYS B 98 7.95 4.69 15.19
C LYS B 98 6.90 5.47 14.41
N VAL B 99 6.19 6.36 15.10
CA VAL B 99 5.19 7.21 14.47
C VAL B 99 5.84 8.55 14.14
N GLY B 100 5.58 9.03 12.93
CA GLY B 100 6.12 10.29 12.43
C GLY B 100 5.16 10.91 11.43
N TRP B 101 4.60 12.06 11.78
CA TRP B 101 3.77 12.88 10.89
C TRP B 101 2.64 12.07 10.24
N GLY B 102 1.87 11.40 11.09
CA GLY B 102 0.70 10.68 10.65
C GLY B 102 1.01 9.34 10.03
N ALA B 103 2.28 9.00 9.89
CA ALA B 103 2.70 7.78 9.21
C ALA B 103 3.53 6.95 10.18
N PHE B 104 3.78 5.71 9.78
CA PHE B 104 4.74 4.86 10.50
C PHE B 104 6.08 4.90 9.74
N ASP B 105 7.06 5.66 10.27
CA ASP B 105 8.18 6.02 9.40
C ASP B 105 9.38 5.09 9.50
N ILE B 106 9.53 4.35 10.61
CA ILE B 106 10.58 3.33 10.76
C ILE B 106 9.93 2.08 11.36
N TRP B 107 10.18 0.92 10.77
CA TRP B 107 9.59 -0.34 11.24
C TRP B 107 10.70 -1.31 11.64
N GLY B 108 10.47 -2.08 12.71
CA GLY B 108 11.30 -3.25 12.99
C GLY B 108 11.06 -4.36 11.98
N GLN B 109 11.93 -5.38 11.99
CA GLN B 109 11.74 -6.40 10.97
C GLN B 109 10.73 -7.47 11.39
N GLY B 110 10.14 -7.37 12.56
CA GLY B 110 9.01 -8.20 12.91
C GLY B 110 9.42 -9.38 13.78
N THR B 111 8.47 -9.86 14.56
CA THR B 111 8.62 -11.15 15.26
C THR B 111 7.36 -11.99 15.02
N MET B 112 7.54 -13.30 14.82
CA MET B 112 6.44 -14.14 14.39
C MET B 112 5.71 -14.69 15.61
N VAL B 113 4.39 -14.58 15.61
CA VAL B 113 3.58 -15.15 16.68
C VAL B 113 2.69 -16.20 16.04
N THR B 114 2.79 -17.45 16.53
CA THR B 114 1.91 -18.52 16.06
C THR B 114 1.03 -18.99 17.22
N VAL B 115 -0.28 -18.96 17.01
CA VAL B 115 -1.24 -19.40 18.05
C VAL B 115 -1.90 -20.65 17.49
N SER B 116 -1.50 -21.80 18.03
CA SER B 116 -1.92 -23.05 17.43
C SER B 116 -1.83 -24.15 18.46
N SER B 117 -2.69 -25.13 18.30
CA SER B 117 -2.70 -26.34 19.10
C SER B 117 -2.21 -27.56 18.32
N ALA B 118 -1.77 -27.39 17.07
CA ALA B 118 -1.43 -28.54 16.23
C ALA B 118 -0.40 -29.44 16.89
N SER B 119 -0.64 -30.75 16.83
CA SER B 119 0.39 -31.70 17.21
C SER B 119 0.66 -32.60 16.01
N THR B 120 1.77 -33.33 16.07
CA THR B 120 2.10 -34.25 15.00
C THR B 120 0.89 -35.07 14.61
N LYS B 121 0.61 -35.10 13.30
CA LYS B 121 -0.55 -35.81 12.76
C LYS B 121 -0.22 -36.18 11.31
N GLY B 122 -0.42 -37.44 10.97
CA GLY B 122 -0.18 -37.88 9.61
C GLY B 122 -1.36 -37.51 8.74
N PRO B 123 -1.13 -37.37 7.44
CA PRO B 123 -2.22 -36.94 6.55
C PRO B 123 -3.22 -38.05 6.29
N SER B 124 -4.45 -37.63 5.98
CA SER B 124 -5.36 -38.48 5.23
C SER B 124 -5.11 -38.25 3.75
N VAL B 125 -4.98 -39.32 2.98
CA VAL B 125 -4.68 -39.21 1.56
C VAL B 125 -5.90 -39.65 0.75
N PHE B 126 -6.35 -38.80 -0.17
CA PHE B 126 -7.52 -39.08 -1.01
C PHE B 126 -7.18 -39.01 -2.49
N PRO B 127 -7.77 -39.87 -3.31
CA PRO B 127 -7.49 -39.83 -4.75
C PRO B 127 -8.34 -38.76 -5.39
N LEU B 128 -7.74 -38.06 -6.35
CA LEU B 128 -8.43 -37.06 -7.16
C LEU B 128 -8.56 -37.68 -8.56
N ALA B 129 -9.71 -38.32 -8.79
CA ALA B 129 -9.89 -39.15 -9.97
C ALA B 129 -9.90 -38.32 -11.24
N PRO B 130 -9.34 -38.83 -12.32
CA PRO B 130 -9.45 -38.14 -13.61
C PRO B 130 -10.90 -38.19 -14.07
N SER B 131 -11.32 -37.14 -14.78
CA SER B 131 -12.68 -37.10 -15.30
C SER B 131 -12.67 -36.30 -16.59
N SER B 132 -13.83 -36.25 -17.24
CA SER B 132 -13.99 -35.35 -18.37
C SER B 132 -13.70 -33.91 -17.98
N LYS B 133 -14.01 -33.54 -16.73
CA LYS B 133 -13.80 -32.17 -16.26
C LYS B 133 -12.32 -31.84 -16.05
N SER B 134 -11.45 -32.85 -15.98
CA SER B 134 -10.01 -32.62 -15.88
C SER B 134 -9.24 -33.18 -17.08
N THR B 135 -9.90 -33.39 -18.22
CA THR B 135 -9.21 -33.81 -19.45
C THR B 135 -9.37 -32.72 -20.50
N SER B 136 -8.25 -32.30 -21.09
CA SER B 136 -8.23 -31.33 -22.19
C SER B 136 -7.40 -31.91 -23.32
N GLY B 137 -7.95 -31.91 -24.53
CA GLY B 137 -7.27 -32.56 -25.64
C GLY B 137 -7.15 -34.06 -25.37
N GLY B 138 -5.94 -34.57 -25.53
CA GLY B 138 -5.72 -35.97 -25.24
C GLY B 138 -5.01 -36.21 -23.91
N THR B 139 -5.19 -35.29 -22.98
CA THR B 139 -4.48 -35.32 -21.73
C THR B 139 -5.48 -35.31 -20.58
N ALA B 140 -5.19 -36.10 -19.54
CA ALA B 140 -6.04 -36.09 -18.35
C ALA B 140 -5.20 -35.75 -17.13
N ALA B 141 -5.81 -35.04 -16.19
CA ALA B 141 -5.21 -34.70 -14.91
C ALA B 141 -5.79 -35.59 -13.82
N LEU B 142 -4.94 -36.19 -13.01
CA LEU B 142 -5.40 -36.92 -11.85
C LEU B 142 -4.44 -36.58 -10.71
N GLY B 143 -4.89 -36.75 -9.48
CA GLY B 143 -3.98 -36.38 -8.41
C GLY B 143 -4.30 -37.05 -7.10
N CYS B 144 -3.62 -36.60 -6.05
N CYS B 144 -3.62 -36.56 -6.06
CA CYS B 144 -4.01 -36.99 -4.71
CA CYS B 144 -3.85 -36.98 -4.69
C CYS B 144 -3.98 -35.79 -3.78
C CYS B 144 -3.96 -35.77 -3.78
N LEU B 145 -4.91 -35.80 -2.86
CA LEU B 145 -5.08 -34.78 -1.84
C LEU B 145 -4.48 -35.30 -0.55
N VAL B 146 -3.50 -34.56 -0.01
CA VAL B 146 -2.79 -34.96 1.21
C VAL B 146 -3.30 -34.02 2.31
N LYS B 147 -4.27 -34.47 3.10
CA LYS B 147 -5.07 -33.56 3.92
C LYS B 147 -4.68 -33.62 5.40
N ASP B 148 -4.50 -32.44 5.99
CA ASP B 148 -4.47 -32.24 7.46
C ASP B 148 -3.33 -33.00 8.15
N TYR B 149 -2.11 -32.63 7.82
CA TYR B 149 -0.96 -33.17 8.52
C TYR B 149 -0.19 -32.06 9.23
N PHE B 150 0.71 -32.47 10.10
CA PHE B 150 1.58 -31.57 10.85
C PHE B 150 2.74 -32.34 11.48
N PRO B 151 3.96 -31.80 11.46
CA PRO B 151 4.39 -30.59 10.73
C PRO B 151 4.82 -30.86 9.29
N GLU B 152 5.34 -29.85 8.60
CA GLU B 152 5.99 -30.11 7.33
C GLU B 152 7.23 -30.96 7.57
N PRO B 153 7.75 -31.66 6.53
CA PRO B 153 7.21 -31.74 5.18
C PRO B 153 6.58 -33.11 4.90
N VAL B 154 5.92 -33.25 3.76
CA VAL B 154 5.57 -34.56 3.22
C VAL B 154 6.30 -34.65 1.90
N THR B 155 6.52 -35.88 1.45
CA THR B 155 7.03 -36.09 0.11
C THR B 155 5.98 -36.89 -0.66
N VAL B 156 5.85 -36.56 -1.94
CA VAL B 156 4.91 -37.26 -2.80
C VAL B 156 5.70 -37.72 -4.03
N SER B 157 5.52 -38.98 -4.39
CA SER B 157 6.02 -39.50 -5.65
C SER B 157 4.86 -40.20 -6.35
N TRP B 158 5.03 -40.51 -7.63
CA TRP B 158 4.03 -41.21 -8.42
C TRP B 158 4.65 -42.50 -8.94
N ASN B 159 3.93 -43.62 -8.78
CA ASN B 159 4.39 -44.95 -9.24
C ASN B 159 5.80 -45.23 -8.72
N SER B 160 5.96 -44.98 -7.42
CA SER B 160 7.20 -45.25 -6.72
C SER B 160 8.40 -44.61 -7.41
N GLY B 161 8.20 -43.40 -7.96
CA GLY B 161 9.29 -42.70 -8.65
C GLY B 161 9.45 -43.04 -10.11
N ALA B 162 8.75 -44.05 -10.62
CA ALA B 162 8.82 -44.35 -12.05
C ALA B 162 8.18 -43.28 -12.91
N LEU B 163 7.26 -42.48 -12.35
CA LEU B 163 6.55 -41.45 -13.11
C LEU B 163 6.98 -40.09 -12.56
N THR B 164 7.70 -39.33 -13.38
CA THR B 164 8.07 -37.95 -13.05
C THR B 164 7.60 -36.93 -14.07
N SER B 165 7.50 -37.31 -15.34
CA SER B 165 7.03 -36.36 -16.33
C SER B 165 5.59 -35.94 -16.05
N GLY B 166 5.34 -34.63 -16.04
CA GLY B 166 3.99 -34.14 -15.86
C GLY B 166 3.51 -34.12 -14.43
N VAL B 167 4.38 -34.44 -13.47
CA VAL B 167 4.04 -34.36 -12.04
C VAL B 167 4.17 -32.92 -11.56
N HIS B 168 3.16 -32.45 -10.84
CA HIS B 168 3.22 -31.12 -10.22
C HIS B 168 2.71 -31.25 -8.78
N THR B 169 3.62 -31.24 -7.82
CA THR B 169 3.21 -31.25 -6.42
C THR B 169 3.17 -29.80 -5.94
N PHE B 170 1.99 -29.37 -5.40
CA PHE B 170 1.84 -27.97 -5.02
C PHE B 170 2.28 -27.74 -3.58
N PRO B 171 2.86 -26.57 -3.34
CA PRO B 171 3.13 -26.13 -1.96
C PRO B 171 1.90 -26.22 -1.05
N ALA B 172 2.14 -26.61 0.19
CA ALA B 172 1.05 -26.83 1.12
C ALA B 172 0.34 -25.53 1.49
N VAL B 173 -0.93 -25.64 1.76
CA VAL B 173 -1.67 -24.55 2.40
C VAL B 173 -1.59 -24.80 3.90
N LEU B 174 -1.38 -23.74 4.67
CA LEU B 174 -1.39 -23.83 6.13
C LEU B 174 -2.75 -23.29 6.57
N GLN B 175 -3.61 -24.18 7.05
CA GLN B 175 -4.99 -23.81 7.34
C GLN B 175 -5.09 -23.05 8.68
N SER B 176 -6.28 -22.47 8.90
CA SER B 176 -6.55 -21.80 10.16
C SER B 176 -6.40 -22.75 11.34
N SER B 177 -6.77 -24.04 11.15
CA SER B 177 -6.58 -25.07 12.18
C SER B 177 -5.14 -25.24 12.62
N GLY B 178 -4.18 -24.74 11.84
CA GLY B 178 -2.79 -25.01 12.10
C GLY B 178 -2.25 -26.25 11.42
N LEU B 179 -3.08 -26.95 10.64
CA LEU B 179 -2.66 -28.14 9.92
C LEU B 179 -2.42 -27.77 8.46
N TYR B 180 -1.52 -28.51 7.82
CA TYR B 180 -1.21 -28.37 6.40
C TYR B 180 -2.03 -29.32 5.56
N SER B 181 -2.32 -28.91 4.32
CA SER B 181 -2.78 -29.82 3.26
C SER B 181 -2.03 -29.48 1.98
N LEU B 182 -1.85 -30.47 1.12
CA LEU B 182 -1.31 -30.19 -0.21
C LEU B 182 -1.95 -31.15 -1.19
N SER B 183 -1.73 -30.88 -2.48
CA SER B 183 -2.16 -31.76 -3.56
C SER B 183 -1.01 -31.95 -4.52
N SER B 184 -1.01 -33.12 -5.15
CA SER B 184 -0.10 -33.42 -6.25
C SER B 184 -0.95 -33.87 -7.41
N VAL B 185 -0.63 -33.37 -8.59
CA VAL B 185 -1.40 -33.67 -9.79
C VAL B 185 -0.43 -34.14 -10.85
N VAL B 186 -0.86 -35.10 -11.68
CA VAL B 186 -0.04 -35.52 -12.82
C VAL B 186 -0.91 -35.48 -14.06
N THR B 187 -0.32 -35.04 -15.16
CA THR B 187 -1.03 -35.06 -16.44
C THR B 187 -0.47 -36.23 -17.25
N VAL B 188 -1.37 -37.05 -17.78
CA VAL B 188 -0.98 -38.27 -18.49
C VAL B 188 -1.82 -38.34 -19.77
N PRO B 189 -1.42 -39.15 -20.73
CA PRO B 189 -2.29 -39.35 -21.90
C PRO B 189 -3.62 -39.94 -21.45
N SER B 190 -4.73 -39.34 -21.91
CA SER B 190 -6.03 -39.83 -21.43
C SER B 190 -6.27 -41.26 -21.90
N SER B 191 -5.70 -41.64 -23.05
CA SER B 191 -5.87 -43.01 -23.54
C SER B 191 -5.14 -44.04 -22.67
N SER B 192 -4.24 -43.61 -21.79
CA SER B 192 -3.55 -44.53 -20.90
C SER B 192 -4.39 -44.91 -19.69
N LEU B 193 -5.44 -44.15 -19.40
CA LEU B 193 -6.25 -44.42 -18.22
C LEU B 193 -6.91 -45.80 -18.37
N GLY B 194 -6.92 -46.57 -17.28
CA GLY B 194 -7.51 -47.89 -17.32
C GLY B 194 -6.63 -48.95 -17.91
N THR B 195 -5.50 -48.57 -18.51
CA THR B 195 -4.46 -49.51 -18.92
C THR B 195 -3.17 -49.35 -18.13
N GLN B 196 -2.79 -48.12 -17.79
CA GLN B 196 -1.66 -47.85 -16.92
C GLN B 196 -2.21 -47.60 -15.51
N THR B 197 -1.60 -48.19 -14.50
CA THR B 197 -1.97 -47.92 -13.11
C THR B 197 -1.24 -46.65 -12.61
N TYR B 198 -1.93 -45.84 -11.83
CA TYR B 198 -1.34 -44.60 -11.29
C TYR B 198 -1.48 -44.60 -9.79
N ILE B 199 -0.36 -44.52 -9.09
CA ILE B 199 -0.37 -44.59 -7.63
C ILE B 199 0.45 -43.45 -7.06
N CYS B 200 -0.08 -42.76 -6.06
N CYS B 200 -0.11 -42.70 -6.12
CA CYS B 200 0.64 -41.66 -5.42
CA CYS B 200 0.72 -41.71 -5.45
C CYS B 200 1.17 -42.13 -4.07
C CYS B 200 1.23 -42.30 -4.16
N ASN B 201 2.49 -42.04 -3.88
CA ASN B 201 3.18 -42.54 -2.69
C ASN B 201 3.46 -41.34 -1.78
N VAL B 202 2.81 -41.31 -0.62
CA VAL B 202 2.89 -40.16 0.29
C VAL B 202 3.70 -40.58 1.51
N ASN B 203 4.76 -39.82 1.83
CA ASN B 203 5.54 -40.07 3.05
C ASN B 203 5.55 -38.83 3.96
N HIS B 204 5.22 -39.04 5.23
CA HIS B 204 5.28 -38.01 6.26
C HIS B 204 6.15 -38.55 7.40
N LYS B 205 7.46 -38.33 7.31
CA LYS B 205 8.36 -38.88 8.31
C LYS B 205 7.97 -38.52 9.74
N PRO B 206 7.61 -37.29 10.06
CA PRO B 206 7.34 -36.95 11.47
C PRO B 206 6.32 -37.86 12.13
N SER B 207 5.32 -38.33 11.39
CA SER B 207 4.35 -39.24 11.97
C SER B 207 4.59 -40.67 11.53
N ASN B 208 5.74 -40.94 10.92
CA ASN B 208 6.06 -42.25 10.38
C ASN B 208 4.88 -42.80 9.60
N THR B 209 4.30 -41.94 8.76
CA THR B 209 3.14 -42.30 7.95
C THR B 209 3.59 -42.52 6.51
N LYS B 210 3.16 -43.65 5.93
CA LYS B 210 3.44 -43.95 4.53
C LYS B 210 2.16 -44.49 3.94
N VAL B 211 1.71 -43.89 2.84
CA VAL B 211 0.42 -44.25 2.24
C VAL B 211 0.60 -44.36 0.74
N ASP B 212 0.10 -45.44 0.15
CA ASP B 212 -0.01 -45.55 -1.30
C ASP B 212 -1.49 -45.46 -1.65
N LYS B 213 -1.80 -44.70 -2.68
CA LYS B 213 -3.20 -44.50 -3.03
C LYS B 213 -3.34 -44.67 -4.53
N LYS B 214 -4.11 -45.68 -4.94
CA LYS B 214 -4.46 -45.86 -6.35
C LYS B 214 -5.40 -44.75 -6.78
N VAL B 215 -5.15 -44.18 -7.95
CA VAL B 215 -5.99 -43.13 -8.48
C VAL B 215 -6.57 -43.67 -9.79
N GLU B 216 -7.87 -43.92 -9.81
CA GLU B 216 -8.51 -44.64 -10.91
C GLU B 216 -9.69 -43.87 -11.46
N PRO B 217 -9.96 -44.00 -12.77
CA PRO B 217 -11.22 -43.49 -13.31
C PRO B 217 -12.40 -44.18 -12.60
N LYS B 218 -13.49 -43.41 -12.42
CA LYS B 218 -14.69 -43.93 -11.74
C LYS B 218 -15.58 -44.72 -12.69
N SER B 219 -16.22 -45.78 -12.17
CA SER B 219 -17.31 -46.48 -12.86
C SER B 219 -18.60 -46.37 -12.04
N CYS B 220 -19.73 -46.23 -12.73
CA CYS B 220 -21.07 -46.05 -12.12
C CYS B 220 -21.98 -47.25 -12.41
N ASN C 4 5.54 57.25 -9.04
CA ASN C 4 4.92 57.16 -10.36
C ASN C 4 5.09 55.77 -10.99
N LEU C 5 6.27 55.18 -10.84
CA LEU C 5 6.49 53.81 -11.28
C LEU C 5 5.95 52.82 -10.24
N CYS C 6 5.20 51.81 -10.70
CA CYS C 6 4.77 50.76 -9.80
C CYS C 6 5.96 50.18 -9.05
N PRO C 7 5.85 49.90 -7.75
CA PRO C 7 7.03 49.52 -6.95
C PRO C 7 7.33 48.02 -6.98
N PHE C 8 7.63 47.50 -8.17
CA PHE C 8 7.97 46.08 -8.27
C PHE C 8 9.32 45.78 -7.66
N GLY C 9 10.23 46.75 -7.71
CA GLY C 9 11.54 46.53 -7.12
C GLY C 9 11.45 46.19 -5.64
N GLU C 10 10.54 46.86 -4.92
CA GLU C 10 10.36 46.54 -3.50
C GLU C 10 9.83 45.11 -3.27
N VAL C 11 9.00 44.60 -4.18
CA VAL C 11 8.49 43.22 -4.05
C VAL C 11 9.58 42.21 -4.39
N PHE C 12 10.16 42.35 -5.60
CA PHE C 12 11.13 41.35 -6.05
C PHE C 12 12.40 41.42 -5.23
N ASN C 13 12.82 42.62 -4.83
CA ASN C 13 14.06 42.82 -4.12
C ASN C 13 13.90 42.90 -2.59
N ALA C 14 12.73 42.56 -2.03
CA ALA C 14 12.58 42.61 -0.57
C ALA C 14 13.66 41.80 0.11
N THR C 15 14.13 42.29 1.24
CA THR C 15 15.15 41.58 1.99
C THR C 15 14.61 40.26 2.56
N ARG C 16 13.42 40.28 3.14
CA ARG C 16 12.83 39.08 3.72
C ARG C 16 11.58 38.71 2.96
N PHE C 17 11.38 37.40 2.78
CA PHE C 17 10.24 36.85 2.08
C PHE C 17 9.45 36.05 3.11
N ALA C 18 8.16 35.97 2.90
CA ALA C 18 7.29 35.21 3.81
C ALA C 18 7.41 33.70 3.60
N SER C 19 7.06 32.94 4.65
CA SER C 19 6.74 31.52 4.44
C SER C 19 5.50 31.38 3.58
N VAL C 20 5.47 30.30 2.79
CA VAL C 20 4.40 30.10 1.84
C VAL C 20 3.04 29.97 2.54
N TYR C 21 2.97 29.36 3.73
CA TYR C 21 1.66 29.26 4.38
C TYR C 21 1.14 30.63 4.79
N ALA C 22 2.05 31.57 5.04
CA ALA C 22 1.69 32.94 5.41
C ALA C 22 2.15 33.88 4.32
N TRP C 23 1.82 33.51 3.10
CA TRP C 23 2.30 34.20 1.92
C TRP C 23 1.95 35.68 1.98
N ASN C 24 2.80 36.47 1.36
CA ASN C 24 2.67 37.92 1.37
C ASN C 24 1.79 38.37 0.21
N ARG C 25 1.17 39.54 0.37
CA ARG C 25 0.44 40.16 -0.74
C ARG C 25 0.65 41.68 -0.63
N LYS C 26 1.02 42.29 -1.76
CA LYS C 26 1.08 43.75 -1.91
C LYS C 26 0.07 44.19 -2.95
N ARG C 27 -0.69 45.25 -2.67
CA ARG C 27 -1.61 45.77 -3.69
C ARG C 27 -0.91 46.87 -4.48
N ILE C 28 -0.91 46.74 -5.81
CA ILE C 28 -0.27 47.70 -6.71
C ILE C 28 -1.38 48.50 -7.38
N SER C 29 -1.24 49.83 -7.36
CA SER C 29 -2.26 50.65 -8.01
C SER C 29 -1.73 52.08 -8.24
N ASN C 30 -2.43 52.80 -9.11
CA ASN C 30 -2.13 54.20 -9.40
C ASN C 30 -0.65 54.38 -9.74
N CYS C 31 -0.22 53.67 -10.78
CA CYS C 31 1.18 53.69 -11.14
C CYS C 31 1.30 53.11 -12.54
N VAL C 32 2.48 53.30 -13.14
CA VAL C 32 2.79 52.81 -14.47
C VAL C 32 3.74 51.63 -14.31
N ALA C 33 3.40 50.52 -14.93
CA ALA C 33 4.13 49.26 -14.76
C ALA C 33 4.84 48.90 -16.04
N ASP C 34 6.18 48.87 -15.98
CA ASP C 34 6.98 48.42 -17.13
C ASP C 34 7.32 46.95 -16.91
N TYR C 35 6.47 46.07 -17.43
CA TYR C 35 6.67 44.64 -17.21
C TYR C 35 7.89 44.11 -17.95
N SER C 36 8.18 44.65 -19.15
CA SER C 36 9.33 44.13 -19.89
C SER C 36 10.63 44.38 -19.15
N VAL C 37 10.68 45.40 -18.29
CA VAL C 37 11.72 45.50 -17.27
C VAL C 37 11.97 44.13 -16.66
N LEU C 38 10.89 43.48 -16.22
CA LEU C 38 10.96 42.15 -15.60
C LEU C 38 11.39 41.08 -16.60
N TYR C 39 10.55 40.78 -17.59
CA TYR C 39 10.85 39.65 -18.46
C TYR C 39 12.11 39.85 -19.30
N ASN C 40 12.64 41.07 -19.40
CA ASN C 40 13.91 41.22 -20.10
C ASN C 40 15.07 40.62 -19.30
N SER C 41 15.00 40.72 -17.97
CA SER C 41 15.99 40.06 -17.12
C SER C 41 16.00 38.56 -17.36
N ALA C 42 17.21 38.01 -17.56
CA ALA C 42 17.41 36.57 -17.55
C ALA C 42 17.51 36.00 -16.13
N SER C 43 17.29 36.81 -15.11
CA SER C 43 17.49 36.34 -13.75
C SER C 43 16.49 35.27 -13.32
N PHE C 44 15.40 35.06 -14.06
CA PHE C 44 14.30 34.23 -13.56
C PHE C 44 14.31 32.86 -14.22
N SER C 45 14.28 31.81 -13.39
CA SER C 45 14.16 30.46 -13.91
C SER C 45 12.72 30.13 -14.32
N THR C 46 11.74 30.80 -13.75
CA THR C 46 10.37 30.68 -14.21
C THR C 46 9.86 32.07 -14.49
N PHE C 47 9.19 32.26 -15.62
CA PHE C 47 8.45 33.48 -15.92
C PHE C 47 7.35 33.02 -16.87
N LYS C 48 6.19 32.73 -16.31
CA LYS C 48 5.10 32.13 -17.08
C LYS C 48 3.83 32.93 -16.87
N CYS C 49 3.23 33.39 -17.96
CA CYS C 49 1.99 34.16 -17.90
C CYS C 49 0.82 33.34 -18.41
N TYR C 50 -0.37 33.66 -17.89
CA TYR C 50 -1.62 32.94 -18.13
C TYR C 50 -2.71 33.94 -18.50
N GLY C 51 -3.29 33.77 -19.68
CA GLY C 51 -4.28 34.68 -20.21
C GLY C 51 -3.74 36.00 -20.76
N VAL C 52 -2.42 36.19 -20.81
CA VAL C 52 -1.83 37.41 -21.33
C VAL C 52 -0.39 37.12 -21.73
N SER C 53 0.23 38.03 -22.51
CA SER C 53 1.63 37.97 -22.89
C SER C 53 2.46 38.94 -22.08
N PRO C 54 3.76 38.69 -21.94
CA PRO C 54 4.62 39.65 -21.23
C PRO C 54 4.65 41.02 -21.88
N THR C 55 4.73 41.05 -23.23
CA THR C 55 4.73 42.31 -23.95
C THR C 55 3.37 42.97 -23.94
N LYS C 56 2.32 42.19 -24.26
CA LYS C 56 0.96 42.74 -24.31
C LYS C 56 0.60 43.49 -23.04
N LEU C 57 1.23 43.17 -21.91
CA LEU C 57 0.86 43.79 -20.65
C LEU C 57 1.13 45.28 -20.67
N ASN C 58 2.29 45.68 -21.18
CA ASN C 58 2.60 47.12 -21.28
C ASN C 58 1.55 47.87 -22.09
N ASP C 59 0.72 47.16 -22.86
CA ASP C 59 -0.36 47.77 -23.62
C ASP C 59 -1.72 47.57 -22.96
N LEU C 60 -1.76 47.12 -21.71
CA LEU C 60 -3.01 46.88 -21.02
C LEU C 60 -3.09 47.72 -19.75
N CYS C 61 -4.31 47.82 -19.21
CA CYS C 61 -4.57 48.54 -17.96
C CYS C 61 -5.42 47.66 -17.05
N PHE C 62 -5.38 47.97 -15.76
CA PHE C 62 -6.03 47.13 -14.77
C PHE C 62 -6.42 47.96 -13.56
N THR C 63 -7.53 47.54 -12.93
CA THR C 63 -8.03 48.21 -11.73
C THR C 63 -6.98 48.16 -10.62
N ASN C 64 -6.51 46.97 -10.30
CA ASN C 64 -5.39 46.78 -9.38
C ASN C 64 -4.57 45.58 -9.85
N VAL C 65 -3.30 45.59 -9.45
CA VAL C 65 -2.43 44.41 -9.57
C VAL C 65 -2.08 43.95 -8.15
N TYR C 66 -2.15 42.63 -7.92
CA TYR C 66 -1.67 42.06 -6.66
C TYR C 66 -0.38 41.28 -6.92
N ALA C 67 0.64 41.54 -6.09
CA ALA C 67 1.92 40.83 -6.08
C ALA C 67 1.96 39.98 -4.81
N ASP C 68 1.84 38.66 -4.97
CA ASP C 68 1.99 37.71 -3.88
C ASP C 68 3.40 37.12 -3.91
N SER C 69 3.95 36.79 -2.75
CA SER C 69 5.35 36.37 -2.72
C SER C 69 5.62 35.50 -1.50
N PHE C 70 6.53 34.56 -1.67
CA PHE C 70 6.77 33.53 -0.69
C PHE C 70 7.96 32.69 -1.13
N VAL C 71 8.40 31.79 -0.25
CA VAL C 71 9.45 30.83 -0.56
C VAL C 71 8.90 29.40 -0.51
N ILE C 72 9.28 28.58 -1.52
CA ILE C 72 8.95 27.15 -1.55
C ILE C 72 10.18 26.40 -2.08
N ARG C 73 10.08 25.05 -2.16
CA ARG C 73 11.11 24.23 -2.81
C ARG C 73 11.08 24.38 -4.32
N GLY C 74 12.27 24.24 -4.95
CA GLY C 74 12.30 24.16 -6.40
C GLY C 74 11.31 23.18 -6.98
N ASP C 75 11.17 22.01 -6.38
CA ASP C 75 10.32 21.04 -7.07
C ASP C 75 8.83 21.31 -6.86
N GLU C 76 8.47 22.34 -6.08
CA GLU C 76 7.09 22.76 -5.89
C GLU C 76 6.71 23.95 -6.76
N VAL C 77 7.67 24.56 -7.44
CA VAL C 77 7.33 25.72 -8.25
C VAL C 77 6.27 25.35 -9.28
N ARG C 78 6.26 24.09 -9.74
CA ARG C 78 5.25 23.74 -10.74
C ARG C 78 3.83 23.80 -10.18
N GLN C 79 3.66 23.79 -8.85
CA GLN C 79 2.32 23.89 -8.31
C GLN C 79 1.76 25.30 -8.33
N ILE C 80 2.60 26.30 -8.51
CA ILE C 80 2.17 27.69 -8.61
C ILE C 80 1.67 27.94 -10.04
N ALA C 81 0.50 27.43 -10.32
CA ALA C 81 -0.04 27.41 -11.66
C ALA C 81 -1.49 27.01 -11.58
N PRO C 82 -2.33 27.48 -12.50
CA PRO C 82 -3.73 27.07 -12.46
C PRO C 82 -3.83 25.57 -12.67
N GLY C 83 -4.78 24.95 -11.98
CA GLY C 83 -5.12 23.55 -12.21
C GLY C 83 -4.25 22.52 -11.52
N GLN C 84 -3.36 22.91 -10.62
CA GLN C 84 -2.40 22.00 -10.02
C GLN C 84 -2.90 21.49 -8.68
N THR C 85 -2.37 20.32 -8.27
CA THR C 85 -2.59 19.78 -6.93
C THR C 85 -1.24 19.49 -6.31
N GLY C 86 -1.27 19.08 -5.05
CA GLY C 86 -0.07 18.90 -4.27
C GLY C 86 -0.12 19.70 -2.98
N LYS C 87 0.89 19.46 -2.13
CA LYS C 87 0.93 20.07 -0.81
C LYS C 87 0.78 21.58 -0.87
N ILE C 88 1.48 22.23 -1.82
CA ILE C 88 1.43 23.69 -1.86
C ILE C 88 0.10 24.17 -2.41
N ALA C 89 -0.27 23.69 -3.59
CA ALA C 89 -1.53 24.14 -4.20
C ALA C 89 -2.73 23.83 -3.30
N ASP C 90 -2.72 22.67 -2.66
CA ASP C 90 -3.87 22.26 -1.86
C ASP C 90 -3.91 22.94 -0.49
N TYR C 91 -2.77 23.05 0.18
CA TYR C 91 -2.76 23.44 1.59
C TYR C 91 -2.14 24.80 1.86
N ASN C 92 -1.53 25.45 0.86
CA ASN C 92 -0.75 26.65 1.16
C ASN C 92 -1.06 27.85 0.28
N TYR C 93 -1.02 27.69 -1.05
CA TYR C 93 -1.22 28.83 -1.95
C TYR C 93 -1.85 28.30 -3.23
N LYS C 94 -3.12 28.69 -3.48
CA LYS C 94 -3.93 28.09 -4.53
C LYS C 94 -4.28 29.15 -5.57
N LEU C 95 -3.81 28.94 -6.88
CA LEU C 95 -4.32 29.82 -7.94
C LEU C 95 -5.63 29.30 -8.51
N PRO C 96 -6.49 30.18 -9.02
CA PRO C 96 -7.77 29.76 -9.61
C PRO C 96 -7.58 29.09 -10.98
N ASP C 97 -8.58 28.28 -11.37
CA ASP C 97 -8.47 27.54 -12.62
C ASP C 97 -8.34 28.48 -13.81
N ASP C 98 -8.85 29.69 -13.68
CA ASP C 98 -8.87 30.69 -14.73
C ASP C 98 -7.92 31.84 -14.40
N PHE C 99 -6.84 31.52 -13.72
CA PHE C 99 -5.85 32.52 -13.36
C PHE C 99 -5.43 33.32 -14.58
N THR C 100 -5.54 34.63 -14.46
CA THR C 100 -4.92 35.59 -15.37
C THR C 100 -3.83 36.29 -14.58
N GLY C 101 -2.59 36.13 -15.01
CA GLY C 101 -1.48 36.68 -14.26
C GLY C 101 -0.19 36.04 -14.72
N CYS C 102 0.88 36.39 -13.99
CA CYS C 102 2.21 35.86 -14.25
C CYS C 102 2.81 35.28 -12.96
N VAL C 103 3.52 34.17 -13.10
CA VAL C 103 4.26 33.53 -12.00
C VAL C 103 5.75 33.65 -12.32
N ILE C 104 6.50 34.19 -11.40
CA ILE C 104 7.93 34.45 -11.60
C ILE C 104 8.67 33.82 -10.43
N ALA C 105 9.77 33.15 -10.71
CA ALA C 105 10.52 32.52 -9.61
C ALA C 105 12.00 32.52 -9.92
N TRP C 106 12.79 32.40 -8.85
CA TRP C 106 14.23 32.26 -9.02
C TRP C 106 14.84 31.51 -7.84
N ASN C 107 15.94 30.80 -8.11
CA ASN C 107 16.65 30.09 -7.05
C ASN C 107 17.21 31.10 -6.05
N SER C 108 16.97 30.86 -4.76
CA SER C 108 17.44 31.74 -3.69
C SER C 108 18.31 30.99 -2.69
N ASN C 109 18.94 29.90 -3.13
CA ASN C 109 19.80 29.09 -2.26
C ASN C 109 20.86 29.94 -1.56
N ASN C 110 21.36 30.97 -2.23
CA ASN C 110 22.42 31.77 -1.66
C ASN C 110 21.93 32.66 -0.53
N LEU C 111 20.64 33.00 -0.49
CA LEU C 111 20.10 33.85 0.56
C LEU C 111 19.32 33.08 1.62
N ASP C 112 18.69 31.97 1.24
CA ASP C 112 17.68 31.37 2.08
C ASP C 112 18.11 30.02 2.65
N SER C 113 19.28 29.51 2.29
CA SER C 113 19.81 28.29 2.91
C SER C 113 20.84 28.65 3.95
N LYS C 114 21.05 27.73 4.88
CA LYS C 114 22.05 27.94 5.94
C LYS C 114 22.75 26.61 6.18
N VAL C 115 24.05 26.70 6.45
CA VAL C 115 24.77 25.51 6.90
C VAL C 115 24.10 24.99 8.15
N GLY C 116 23.86 23.69 8.19
CA GLY C 116 23.07 23.10 9.26
C GLY C 116 21.58 23.33 9.14
N GLY C 117 21.13 24.08 8.15
CA GLY C 117 19.71 24.20 7.89
C GLY C 117 19.12 25.52 8.30
N ASN C 118 18.38 26.15 7.39
CA ASN C 118 17.52 27.28 7.71
C ASN C 118 16.12 26.75 7.93
N TYR C 119 15.65 26.79 9.17
CA TYR C 119 14.34 26.23 9.51
C TYR C 119 13.28 27.31 9.68
N ASN C 120 13.56 28.56 9.26
CA ASN C 120 12.61 29.65 9.43
C ASN C 120 11.48 29.60 8.41
N TYR C 121 11.70 28.99 7.26
CA TYR C 121 10.65 28.86 6.25
C TYR C 121 9.82 27.62 6.54
N LEU C 122 8.49 27.81 6.64
CA LEU C 122 7.53 26.76 6.99
C LEU C 122 6.51 26.55 5.87
N TYR C 123 5.90 25.37 5.86
CA TYR C 123 4.74 25.13 5.02
C TYR C 123 3.69 24.39 5.84
N ARG C 124 2.44 24.49 5.44
CA ARG C 124 1.40 23.69 6.09
C ARG C 124 1.43 22.28 5.51
N LEU C 125 1.56 21.28 6.39
CA LEU C 125 1.64 19.87 6.01
C LEU C 125 0.28 19.18 6.05
N PHE C 126 -0.63 19.64 6.94
CA PHE C 126 -1.92 19.00 7.14
C PHE C 126 -3.03 20.04 7.10
N ARG C 127 -4.14 19.71 6.43
CA ARG C 127 -5.32 20.58 6.37
C ARG C 127 -6.51 19.72 6.07
N LYS C 128 -7.65 20.04 6.70
CA LYS C 128 -8.80 19.16 6.56
C LYS C 128 -9.51 19.31 5.23
N SER C 129 -9.32 20.44 4.55
CA SER C 129 -9.86 20.61 3.21
C SER C 129 -8.91 21.52 2.44
N ASN C 130 -9.04 21.51 1.12
CA ASN C 130 -8.14 22.26 0.27
C ASN C 130 -8.51 23.74 0.32
N LEU C 131 -7.50 24.60 0.17
CA LEU C 131 -7.74 26.03 0.06
C LEU C 131 -8.58 26.35 -1.18
N LYS C 132 -9.47 27.34 -1.06
CA LYS C 132 -10.03 28.04 -2.20
C LYS C 132 -8.98 28.97 -2.82
N PRO C 133 -9.17 29.37 -4.09
CA PRO C 133 -8.13 30.20 -4.72
C PRO C 133 -7.91 31.48 -3.95
N PHE C 134 -6.64 31.85 -3.78
CA PHE C 134 -6.23 33.03 -3.02
C PHE C 134 -6.66 33.00 -1.56
N GLU C 135 -7.08 31.85 -1.04
CA GLU C 135 -7.33 31.75 0.39
C GLU C 135 -6.02 31.62 1.15
N ARG C 136 -6.02 32.06 2.41
CA ARG C 136 -4.81 32.02 3.21
C ARG C 136 -5.15 31.51 4.60
N ASP C 137 -4.33 30.58 5.10
CA ASP C 137 -4.56 29.94 6.39
C ASP C 137 -3.29 30.04 7.23
N ILE C 138 -3.29 30.87 8.28
CA ILE C 138 -2.11 30.94 9.16
C ILE C 138 -2.37 30.30 10.51
N SER C 139 -3.45 29.55 10.64
CA SER C 139 -3.76 28.99 11.95
C SER C 139 -2.72 27.94 12.34
N THR C 140 -2.63 27.67 13.63
CA THR C 140 -1.72 26.66 14.15
C THR C 140 -2.42 25.73 15.14
N GLU C 141 -3.68 25.39 14.88
CA GLU C 141 -4.39 24.39 15.69
C GLU C 141 -3.81 22.99 15.44
N ILE C 142 -3.70 22.21 16.50
CA ILE C 142 -3.28 20.82 16.33
C ILE C 142 -4.23 20.11 15.37
N TYR C 143 -3.66 19.39 14.42
CA TYR C 143 -4.42 18.66 13.41
C TYR C 143 -4.75 17.26 13.93
N GLN C 144 -6.02 16.87 13.81
CA GLN C 144 -6.51 15.61 14.38
C GLN C 144 -6.74 14.62 13.25
N ALA C 145 -5.94 13.56 13.23
CA ALA C 145 -6.24 12.40 12.39
C ALA C 145 -7.10 11.39 13.15
N GLY C 146 -8.11 10.85 12.48
CA GLY C 146 -8.93 9.83 13.07
C GLY C 146 -9.81 10.44 14.17
N SER C 147 -10.32 9.56 15.03
CA SER C 147 -11.45 9.91 15.92
C SER C 147 -11.04 10.51 17.25
N THR C 148 -9.82 10.27 17.71
CA THR C 148 -9.46 10.63 19.08
C THR C 148 -9.16 12.13 19.20
N PRO C 149 -9.93 12.89 19.99
CA PRO C 149 -9.70 14.32 20.11
C PRO C 149 -8.31 14.59 20.64
N CYS C 150 -7.67 15.63 20.10
CA CYS C 150 -6.33 16.03 20.56
C CYS C 150 -6.35 16.80 21.86
N ASN C 151 -7.42 17.55 22.11
CA ASN C 151 -7.48 18.30 23.34
C ASN C 151 -6.29 19.24 23.47
N GLY C 152 -5.80 19.73 22.33
CA GLY C 152 -4.69 20.66 22.32
C GLY C 152 -3.30 20.08 22.49
N VAL C 153 -3.14 18.76 22.50
CA VAL C 153 -1.86 18.09 22.75
C VAL C 153 -1.42 17.33 21.49
N GLU C 154 -0.15 17.46 21.11
CA GLU C 154 0.44 16.65 20.04
C GLU C 154 0.65 15.20 20.53
N GLY C 155 0.47 14.26 19.63
CA GLY C 155 0.62 12.87 20.01
C GLY C 155 0.47 11.92 18.83
N PHE C 156 0.10 10.68 19.17
CA PHE C 156 -0.08 9.60 18.19
C PHE C 156 -0.83 10.05 16.94
N ASN C 157 -2.01 10.66 17.11
CA ASN C 157 -2.86 11.04 15.98
C ASN C 157 -3.04 12.57 15.88
N CYS C 158 -2.16 13.36 16.51
CA CYS C 158 -2.35 14.79 16.68
C CYS C 158 -1.07 15.52 16.32
N TYR C 159 -1.09 16.36 15.28
CA TYR C 159 0.17 16.90 14.78
C TYR C 159 0.12 18.40 14.63
N PHE C 160 1.23 19.04 14.98
CA PHE C 160 1.36 20.46 14.65
C PHE C 160 1.29 20.59 13.14
N PRO C 161 0.53 21.56 12.60
CA PRO C 161 0.21 21.53 11.17
C PRO C 161 1.28 22.14 10.28
N LEU C 162 2.25 22.85 10.82
CA LEU C 162 3.30 23.45 10.00
C LEU C 162 4.61 22.66 10.19
N GLN C 163 5.35 22.47 9.10
CA GLN C 163 6.65 21.83 9.17
C GLN C 163 7.66 22.77 8.52
N SER C 164 8.88 22.71 9.00
CA SER C 164 9.93 23.57 8.47
C SER C 164 10.62 22.95 7.26
N TYR C 165 10.90 23.76 6.24
CA TYR C 165 11.70 23.26 5.12
C TYR C 165 13.12 22.93 5.54
N GLY C 166 13.72 23.72 6.44
CA GLY C 166 15.12 23.38 6.76
C GLY C 166 16.10 23.32 5.58
N PHE C 167 16.22 24.44 4.86
CA PHE C 167 17.02 24.51 3.63
C PHE C 167 18.53 24.51 3.94
N GLN C 168 19.26 23.62 3.27
CA GLN C 168 20.71 23.50 3.40
C GLN C 168 21.38 23.75 2.06
N PRO C 169 22.45 24.54 2.01
CA PRO C 169 23.03 24.94 0.72
C PRO C 169 23.36 23.74 -0.16
N THR C 170 23.53 22.58 0.45
CA THR C 170 23.97 21.40 -0.28
C THR C 170 22.82 20.52 -0.75
N ASN C 171 21.58 20.96 -0.60
CA ASN C 171 20.45 20.18 -1.09
C ASN C 171 20.51 20.04 -2.61
N GLY C 172 19.94 18.96 -3.12
CA GLY C 172 19.62 18.91 -4.53
C GLY C 172 18.72 20.07 -4.93
N VAL C 173 18.81 20.47 -6.20
CA VAL C 173 18.13 21.69 -6.61
C VAL C 173 16.62 21.59 -6.38
N GLY C 174 16.06 20.39 -6.53
CA GLY C 174 14.65 20.21 -6.28
C GLY C 174 14.23 20.58 -4.87
N TYR C 175 15.19 20.56 -3.94
CA TYR C 175 14.95 20.84 -2.53
C TYR C 175 15.57 22.17 -2.13
N GLN C 176 16.07 22.95 -3.07
CA GLN C 176 16.61 24.24 -2.73
C GLN C 176 15.48 25.27 -2.67
N PRO C 177 15.70 26.37 -1.94
CA PRO C 177 14.65 27.40 -1.82
C PRO C 177 14.51 28.22 -3.08
N TYR C 178 13.27 28.49 -3.47
CA TYR C 178 12.99 29.42 -4.57
C TYR C 178 12.14 30.57 -4.06
N ARG C 179 12.45 31.79 -4.47
CA ARG C 179 11.56 32.91 -4.24
C ARG C 179 10.59 33.00 -5.41
N VAL C 180 9.32 33.24 -5.09
CA VAL C 180 8.25 33.25 -6.06
C VAL C 180 7.52 34.59 -5.93
N VAL C 181 7.17 35.19 -7.06
CA VAL C 181 6.25 36.32 -7.08
C VAL C 181 5.13 35.98 -8.06
N VAL C 182 3.89 36.14 -7.62
CA VAL C 182 2.71 35.90 -8.46
C VAL C 182 2.06 37.25 -8.69
N LEU C 183 1.89 37.63 -9.95
CA LEU C 183 1.23 38.88 -10.30
C LEU C 183 -0.16 38.56 -10.82
N SER C 184 -1.18 39.06 -10.13
N SER C 184 -1.20 39.10 -10.16
CA SER C 184 -2.56 38.91 -10.57
CA SER C 184 -2.57 38.87 -10.58
C SER C 184 -3.04 40.25 -11.09
C SER C 184 -3.20 40.20 -10.95
N PHE C 185 -3.94 40.21 -12.06
CA PHE C 185 -4.38 41.40 -12.77
C PHE C 185 -5.89 41.50 -12.65
N GLU C 186 -6.35 42.52 -11.93
CA GLU C 186 -7.74 42.64 -11.55
C GLU C 186 -8.41 43.67 -12.45
N LEU C 187 -9.42 43.23 -13.19
CA LEU C 187 -10.28 44.10 -13.98
C LEU C 187 -11.62 44.26 -13.25
N LEU C 188 -11.94 45.49 -12.87
CA LEU C 188 -13.19 45.78 -12.19
C LEU C 188 -13.99 46.84 -12.96
N HIS C 189 -15.29 46.86 -12.67
CA HIS C 189 -16.16 47.94 -13.11
C HIS C 189 -15.84 49.19 -12.29
N ALA C 190 -14.66 49.77 -12.53
CA ALA C 190 -14.14 50.92 -11.81
C ALA C 190 -12.91 51.43 -12.54
N PRO C 191 -12.29 52.51 -12.07
CA PRO C 191 -11.19 53.12 -12.83
C PRO C 191 -9.95 52.23 -12.86
N ALA C 192 -9.34 52.14 -14.05
CA ALA C 192 -8.09 51.41 -14.22
C ALA C 192 -6.92 52.30 -13.80
N THR C 193 -6.19 51.89 -12.76
CA THR C 193 -5.14 52.72 -12.18
C THR C 193 -3.73 52.19 -12.43
N VAL C 194 -3.58 50.98 -12.96
CA VAL C 194 -2.26 50.44 -13.28
C VAL C 194 -2.21 50.14 -14.76
N CYS C 195 -1.33 50.83 -15.47
CA CYS C 195 -1.22 50.74 -16.91
C CYS C 195 0.23 50.57 -17.31
N GLY C 196 0.44 49.92 -18.46
CA GLY C 196 1.75 49.81 -19.04
C GLY C 196 2.17 51.12 -19.66
N PRO C 197 3.45 51.22 -20.06
CA PRO C 197 3.91 52.44 -20.75
C PRO C 197 3.36 52.61 -22.16
N GLY C 198 2.55 51.67 -22.65
CA GLY C 198 1.85 51.84 -23.90
C GLY C 198 0.36 51.99 -23.71
N SER C 199 -0.10 53.20 -23.39
CA SER C 199 -1.53 53.46 -23.22
C SER C 199 -1.84 54.95 -23.34
#